data_1BQO
#
_entry.id   1BQO
#
_cell.length_a   37.900
_cell.length_b   79.000
_cell.length_c   106.100
_cell.angle_alpha   90.00
_cell.angle_beta   90.00
_cell.angle_gamma   90.00
#
_symmetry.space_group_name_H-M   'P 21 21 21'
#
loop_
_entity.id
_entity.type
_entity.pdbx_description
1 polymer STROMELYSIN-1
2 non-polymer 'ZINC ION'
3 non-polymer 'CALCIUM ION'
4 non-polymer '1,3-BIS-(4-METHOXY-BENZENESULFONYL)-5,5-DIMETHYL-HEXAHYDRO-PYRIMIDINE-2-CARBOXYLIC ACID HYDROXYAMIDE'
5 water water
#
_entity_poly.entity_id   1
_entity_poly.type   'polypeptide(L)'
_entity_poly.pdbx_seq_one_letter_code
;FRTFPGIPKWRKTHLTYRIVNYTPDLPKDAVDSAVEKALKVWEEVTPLTFSRLYEGEADIMISFAVREHGDFYPFDGPGN
VLAHAYAPGPGINGDAHFDDDEQWTKDTTGTNLFLVAAHEIGHSLGLFHSANTEALMYPLYHSLTDLTRFRLSQDDINGI
QSLYGPPPDSPET
;
_entity_poly.pdbx_strand_id   A,B
#
loop_
_chem_comp.id
_chem_comp.type
_chem_comp.name
_chem_comp.formula
CA non-polymer 'CALCIUM ION' 'Ca 2'
N25 non-polymer '1,3-BIS-(4-METHOXY-BENZENESULFONYL)-5,5-DIMETHYL-HEXAHYDRO-PYRIMIDINE-2-CARBOXYLIC ACID HYDROXYAMIDE' 'C21 H27 N3 O8 S2'
ZN non-polymer 'ZINC ION' 'Zn 2'
#
# COMPACT_ATOMS: atom_id res chain seq x y z
N PHE A 1 10.33 -7.81 31.56
CA PHE A 1 9.45 -7.22 30.51
C PHE A 1 9.17 -5.76 30.85
N ARG A 2 8.68 -4.99 29.88
CA ARG A 2 8.32 -3.60 30.14
C ARG A 2 6.99 -3.11 29.60
N THR A 3 6.27 -2.38 30.44
CA THR A 3 4.97 -1.84 30.09
C THR A 3 5.05 -0.32 30.05
N PHE A 4 4.55 0.27 28.97
CA PHE A 4 4.58 1.73 28.82
C PHE A 4 4.13 2.50 30.06
N PRO A 5 4.55 3.76 30.17
CA PRO A 5 4.21 4.63 31.30
C PRO A 5 2.72 4.94 31.42
N GLY A 6 2.22 4.92 32.66
CA GLY A 6 0.80 4.93 32.89
C GLY A 6 0.07 3.79 32.21
N ILE A 7 0.73 2.65 32.10
CA ILE A 7 0.22 1.42 31.50
C ILE A 7 -1.01 1.53 30.57
N PRO A 8 -0.84 2.19 29.42
CA PRO A 8 -1.98 2.31 28.53
C PRO A 8 -2.34 0.94 27.92
N LYS A 9 -3.57 0.51 28.15
CA LYS A 9 -4.04 -0.76 27.63
C LYS A 9 -5.48 -0.62 27.11
N TRP A 10 -5.88 -1.51 26.20
CA TRP A 10 -7.23 -1.45 25.66
C TRP A 10 -8.23 -1.75 26.79
N ARG A 11 -9.38 -1.06 26.77
CA ARG A 11 -10.38 -1.28 27.80
C ARG A 11 -11.24 -2.51 27.49
N LYS A 12 -11.38 -2.80 26.21
CA LYS A 12 -12.18 -3.93 25.75
C LYS A 12 -11.37 -5.22 25.57
N THR A 13 -12.10 -6.33 25.48
CA THR A 13 -11.53 -7.67 25.29
C THR A 13 -11.38 -8.06 23.82
N HIS A 14 -12.35 -7.67 23.01
CA HIS A 14 -12.32 -8.01 21.59
C HIS A 14 -11.81 -6.85 20.74
N LEU A 15 -10.82 -7.16 19.90
CA LEU A 15 -10.20 -6.15 19.03
C LEU A 15 -10.27 -6.53 17.55
N THR A 16 -10.53 -5.54 16.70
CA THR A 16 -10.59 -5.80 15.27
C THR A 16 -9.29 -5.42 14.55
N TYR A 17 -9.00 -6.13 13.47
CA TYR A 17 -7.80 -5.81 12.71
C TYR A 17 -8.10 -5.69 11.20
N ARG A 18 -7.31 -4.87 10.51
CA ARG A 18 -7.50 -4.69 9.09
C ARG A 18 -6.16 -4.60 8.41
N ILE A 19 -6.02 -5.34 7.32
CA ILE A 19 -4.80 -5.34 6.53
C ILE A 19 -5.08 -4.38 5.38
N VAL A 20 -4.58 -3.16 5.51
CA VAL A 20 -4.79 -2.10 4.54
C VAL A 20 -4.20 -2.31 3.15
N ASN A 21 -3.02 -2.92 3.06
CA ASN A 21 -2.41 -3.15 1.76
C ASN A 21 -1.49 -4.37 1.77
N TYR A 22 -0.90 -4.68 0.63
CA TYR A 22 -0.03 -5.84 0.55
C TYR A 22 1.32 -5.59 -0.10
N THR A 23 2.32 -6.30 0.39
CA THR A 23 3.67 -6.19 -0.12
C THR A 23 3.86 -7.01 -1.38
N PRO A 24 4.69 -6.52 -2.30
CA PRO A 24 4.96 -7.23 -3.55
C PRO A 24 5.82 -8.49 -3.31
N ASP A 25 6.54 -8.53 -2.19
CA ASP A 25 7.41 -9.66 -1.85
C ASP A 25 6.76 -11.05 -1.74
N LEU A 26 5.59 -11.12 -1.09
CA LEU A 26 4.92 -12.41 -0.86
C LEU A 26 3.50 -12.50 -1.39
N PRO A 27 2.99 -13.74 -1.57
CA PRO A 27 1.62 -13.91 -2.05
C PRO A 27 0.71 -13.33 -0.98
N LYS A 28 -0.41 -12.71 -1.37
CA LYS A 28 -1.32 -12.11 -0.39
C LYS A 28 -1.69 -13.05 0.77
N ASP A 29 -1.94 -14.32 0.46
CA ASP A 29 -2.32 -15.32 1.48
C ASP A 29 -1.23 -15.58 2.52
N ALA A 30 0.03 -15.42 2.14
CA ALA A 30 1.10 -15.65 3.09
C ALA A 30 1.08 -14.53 4.13
N VAL A 31 0.75 -13.32 3.68
CA VAL A 31 0.68 -12.16 4.57
C VAL A 31 -0.43 -12.36 5.60
N ASP A 32 -1.60 -12.80 5.13
CA ASP A 32 -2.73 -13.06 6.01
C ASP A 32 -2.33 -14.06 7.12
N SER A 33 -1.72 -15.19 6.74
CA SER A 33 -1.29 -16.21 7.70
C SER A 33 -0.31 -15.69 8.73
N ALA A 34 0.69 -14.94 8.27
CA ALA A 34 1.69 -14.39 9.18
C ALA A 34 1.02 -13.54 10.24
N VAL A 35 0.03 -12.77 9.82
CA VAL A 35 -0.70 -11.90 10.74
C VAL A 35 -1.61 -12.74 11.63
N GLU A 36 -2.34 -13.69 11.05
CA GLU A 36 -3.23 -14.53 11.83
C GLU A 36 -2.46 -15.27 12.92
N LYS A 37 -1.27 -15.79 12.60
CA LYS A 37 -0.48 -16.47 13.62
C LYS A 37 0.12 -15.49 14.61
N ALA A 38 0.49 -14.31 14.12
CA ALA A 38 1.06 -13.27 15.00
C ALA A 38 0.03 -12.90 16.08
N LEU A 39 -1.24 -12.79 15.70
CA LEU A 39 -2.31 -12.44 16.64
C LEU A 39 -2.66 -13.66 17.50
N LYS A 40 -2.51 -14.84 16.91
CA LYS A 40 -2.82 -16.07 17.60
C LYS A 40 -1.94 -16.31 18.82
N VAL A 41 -0.66 -15.96 18.70
CA VAL A 41 0.26 -16.20 19.80
C VAL A 41 -0.01 -15.40 21.09
N TRP A 42 -0.63 -14.23 20.96
CA TRP A 42 -0.97 -13.41 22.12
C TRP A 42 -2.38 -13.76 22.63
N GLU A 43 -3.23 -14.11 21.67
CA GLU A 43 -4.62 -14.49 21.88
C GLU A 43 -4.72 -15.73 22.79
N GLU A 44 -3.87 -16.71 22.57
CA GLU A 44 -3.92 -17.91 23.41
C GLU A 44 -3.33 -17.81 24.82
N VAL A 45 -2.85 -16.63 25.21
CA VAL A 45 -2.33 -16.49 26.58
C VAL A 45 -3.04 -15.40 27.38
N THR A 46 -4.07 -14.82 26.78
CA THR A 46 -4.88 -13.75 27.41
C THR A 46 -6.33 -13.94 26.96
N PRO A 47 -7.27 -13.25 27.62
CA PRO A 47 -8.69 -13.34 27.27
C PRO A 47 -9.07 -12.46 26.06
N LEU A 48 -8.06 -12.00 25.33
CA LEU A 48 -8.30 -11.17 24.14
C LEU A 48 -8.68 -12.02 22.94
N THR A 49 -9.58 -11.49 22.12
CA THR A 49 -10.01 -12.15 20.91
C THR A 49 -9.90 -11.17 19.76
N PHE A 50 -9.79 -11.68 18.54
CA PHE A 50 -9.64 -10.82 17.37
C PHE A 50 -10.53 -11.17 16.17
N SER A 51 -11.01 -10.15 15.48
CA SER A 51 -11.81 -10.39 14.27
C SER A 51 -11.32 -9.44 13.17
N ARG A 52 -11.58 -9.80 11.93
CA ARG A 52 -11.09 -9.03 10.80
C ARG A 52 -12.07 -8.15 10.05
N LEU A 53 -11.67 -6.90 9.79
CA LEU A 53 -12.47 -5.94 9.04
C LEU A 53 -11.84 -5.71 7.66
N TYR A 54 -12.67 -5.47 6.66
CA TYR A 54 -12.16 -5.23 5.32
C TYR A 54 -12.44 -3.80 4.89
N GLU A 55 -13.14 -3.06 5.73
CA GLU A 55 -13.50 -1.67 5.46
C GLU A 55 -13.70 -0.99 6.81
N GLY A 56 -13.72 0.33 6.83
CA GLY A 56 -13.81 1.03 8.09
C GLY A 56 -12.53 0.99 8.89
N GLU A 57 -12.53 1.70 10.00
CA GLU A 57 -11.38 1.79 10.89
C GLU A 57 -11.37 0.67 11.92
N ALA A 58 -10.39 -0.21 11.81
CA ALA A 58 -10.26 -1.30 12.76
C ALA A 58 -9.34 -0.80 13.87
N ASP A 59 -9.31 -1.48 15.00
CA ASP A 59 -8.44 -1.05 16.08
C ASP A 59 -6.99 -1.09 15.61
N ILE A 60 -6.60 -2.25 15.10
CA ILE A 60 -5.25 -2.47 14.61
C ILE A 60 -5.19 -2.41 13.07
N MET A 61 -4.79 -1.26 12.55
CA MET A 61 -4.64 -1.09 11.11
C MET A 61 -3.22 -1.54 10.75
N ILE A 62 -3.10 -2.41 9.73
CA ILE A 62 -1.81 -2.96 9.29
C ILE A 62 -1.47 -2.64 7.84
N SER A 63 -0.34 -1.98 7.63
CA SER A 63 0.08 -1.60 6.30
C SER A 63 1.59 -1.71 6.03
N PHE A 64 1.96 -1.61 4.76
CA PHE A 64 3.36 -1.67 4.32
C PHE A 64 3.73 -0.33 3.70
N ALA A 65 4.79 0.28 4.21
CA ALA A 65 5.18 1.60 3.72
C ALA A 65 6.68 1.76 3.48
N VAL A 66 7.02 2.83 2.80
CA VAL A 66 8.40 3.14 2.48
C VAL A 66 8.60 4.60 2.82
N ARG A 67 9.73 4.94 3.45
CA ARG A 67 10.05 6.31 3.81
C ARG A 67 8.83 7.02 4.42
N GLU A 68 8.56 8.24 3.97
CA GLU A 68 7.44 9.03 4.45
C GLU A 68 6.08 8.48 4.03
N HIS A 69 5.30 8.08 5.01
CA HIS A 69 3.94 7.60 4.80
C HIS A 69 3.08 8.56 5.61
N GLY A 70 1.99 8.11 6.20
CA GLY A 70 1.14 9.11 6.86
C GLY A 70 1.45 9.50 8.31
N ASP A 71 2.70 9.45 8.76
CA ASP A 71 3.01 9.81 10.14
C ASP A 71 4.29 10.65 10.34
N PHE A 72 4.67 10.98 11.57
CA PHE A 72 5.87 11.80 11.77
C PHE A 72 7.16 11.01 11.95
N TYR A 73 7.12 9.72 11.64
CA TYR A 73 8.28 8.85 11.81
C TYR A 73 8.49 8.01 10.55
N PRO A 74 9.04 8.63 9.49
CA PRO A 74 9.28 7.94 8.24
C PRO A 74 10.22 6.75 8.37
N PHE A 75 10.12 5.81 7.43
CA PHE A 75 11.00 4.65 7.44
C PHE A 75 12.39 5.02 6.92
N ASP A 76 13.36 4.17 7.18
CA ASP A 76 14.76 4.45 6.81
C ASP A 76 15.44 3.69 5.67
N GLY A 77 14.69 3.09 4.75
CA GLY A 77 15.34 2.30 3.72
C GLY A 77 15.60 0.88 4.16
N PRO A 78 16.33 0.09 3.36
CA PRO A 78 16.61 -1.30 3.72
C PRO A 78 17.45 -1.48 5.00
N GLY A 79 17.08 -2.47 5.78
CA GLY A 79 17.63 -2.64 7.11
C GLY A 79 17.20 -1.71 8.23
N ASN A 80 17.83 -1.90 9.39
CA ASN A 80 17.60 -1.10 10.59
C ASN A 80 16.15 -1.10 11.00
N VAL A 81 15.48 0.03 11.03
CA VAL A 81 14.07 -0.03 11.42
C VAL A 81 13.32 -0.87 10.39
N LEU A 82 12.80 -2.01 10.86
CA LEU A 82 12.07 -2.95 10.02
C LEU A 82 10.55 -2.70 10.05
N ALA A 83 10.08 -2.18 11.17
CA ALA A 83 8.67 -1.89 11.36
C ALA A 83 8.46 -1.18 12.68
N HIS A 84 7.31 -0.54 12.84
CA HIS A 84 6.99 0.14 14.09
C HIS A 84 5.48 0.19 14.33
N ALA A 85 5.09 0.17 15.59
CA ALA A 85 3.68 0.19 15.95
C ALA A 85 3.39 1.13 17.11
N TYR A 86 2.10 1.45 17.27
CA TYR A 86 1.65 2.36 18.31
C TYR A 86 0.95 1.68 19.49
N ALA A 87 1.13 2.25 20.68
CA ALA A 87 0.51 1.75 21.89
C ALA A 87 -1.03 1.88 21.81
N PRO A 88 -1.76 1.18 22.68
CA PRO A 88 -3.23 1.22 22.72
C PRO A 88 -3.81 2.63 22.57
N GLY A 89 -4.86 2.77 21.79
CA GLY A 89 -5.61 4.01 21.78
C GLY A 89 -6.41 4.18 20.51
N PRO A 90 -7.16 5.27 20.35
CA PRO A 90 -7.96 5.52 19.14
C PRO A 90 -7.07 5.91 17.98
N GLY A 91 -7.67 5.95 16.79
CA GLY A 91 -7.03 6.60 15.66
C GLY A 91 -5.75 5.91 15.27
N ILE A 92 -4.67 6.67 15.24
CA ILE A 92 -3.36 6.15 14.84
C ILE A 92 -2.80 5.11 15.82
N ASN A 93 -3.31 5.12 17.05
CA ASN A 93 -2.81 4.16 18.03
C ASN A 93 -3.30 2.72 17.78
N GLY A 94 -2.51 1.76 18.24
CA GLY A 94 -2.75 0.37 17.89
C GLY A 94 -2.23 -0.03 16.51
N ASP A 95 -2.06 0.93 15.61
CA ASP A 95 -1.64 0.62 14.24
C ASP A 95 -0.18 0.16 14.11
N ALA A 96 0.06 -0.75 13.17
CA ALA A 96 1.40 -1.30 12.91
C ALA A 96 1.80 -1.10 11.46
N HIS A 97 2.99 -0.54 11.25
CA HIS A 97 3.49 -0.28 9.90
C HIS A 97 4.74 -1.10 9.64
N PHE A 98 4.84 -1.64 8.44
CA PHE A 98 5.99 -2.48 8.06
C PHE A 98 6.76 -1.85 6.91
N ASP A 99 8.09 -1.86 7.01
CA ASP A 99 8.96 -1.28 5.98
C ASP A 99 9.08 -2.16 4.75
N ASP A 100 8.55 -1.71 3.63
CA ASP A 100 8.63 -2.53 2.44
C ASP A 100 10.00 -2.56 1.76
N ASP A 101 10.91 -1.71 2.23
CA ASP A 101 12.28 -1.68 1.71
C ASP A 101 13.04 -2.90 2.23
N GLU A 102 12.37 -3.67 3.06
CA GLU A 102 12.92 -4.90 3.59
C GLU A 102 12.31 -6.00 2.72
N GLN A 103 12.92 -7.18 2.72
CA GLN A 103 12.41 -8.30 1.95
C GLN A 103 11.65 -9.24 2.90
N TRP A 104 10.35 -9.04 3.00
CA TRP A 104 9.50 -9.86 3.87
C TRP A 104 9.39 -11.30 3.41
N THR A 105 9.74 -12.23 4.28
CA THR A 105 9.70 -13.63 3.89
C THR A 105 8.88 -14.58 4.74
N LYS A 106 8.61 -15.74 4.17
CA LYS A 106 7.84 -16.80 4.80
C LYS A 106 8.74 -17.56 5.76
N ASP A 107 10.03 -17.58 5.46
CA ASP A 107 11.01 -18.26 6.28
C ASP A 107 12.04 -17.25 6.77
N THR A 108 13.21 -17.74 7.18
CA THR A 108 14.28 -16.88 7.70
C THR A 108 15.37 -16.49 6.68
N THR A 109 14.99 -16.36 5.42
CA THR A 109 15.95 -16.00 4.38
C THR A 109 15.87 -14.52 4.01
N GLY A 110 14.80 -13.85 4.42
CA GLY A 110 14.90 -12.40 4.56
C GLY A 110 14.45 -11.97 5.92
N THR A 111 13.55 -11.00 5.96
CA THR A 111 13.02 -10.53 7.24
C THR A 111 11.70 -11.26 7.44
N ASN A 112 11.69 -12.23 8.32
CA ASN A 112 10.48 -13.00 8.55
C ASN A 112 9.33 -12.14 9.09
N LEU A 113 8.28 -12.07 8.28
CA LEU A 113 7.08 -11.31 8.58
C LEU A 113 6.37 -11.79 9.86
N PHE A 114 6.34 -13.10 10.12
CA PHE A 114 5.69 -13.60 11.33
C PHE A 114 6.36 -13.08 12.60
N LEU A 115 7.66 -13.36 12.76
CA LEU A 115 8.43 -12.95 13.93
C LEU A 115 8.30 -11.48 14.24
N VAL A 116 8.43 -10.65 13.21
CA VAL A 116 8.32 -9.20 13.39
C VAL A 116 6.89 -8.73 13.69
N ALA A 117 5.90 -9.34 13.04
CA ALA A 117 4.50 -8.98 13.25
C ALA A 117 4.06 -9.28 14.68
N ALA A 118 4.50 -10.40 15.22
CA ALA A 118 4.13 -10.77 16.59
C ALA A 118 4.66 -9.73 17.58
N HIS A 119 5.90 -9.29 17.33
CA HIS A 119 6.58 -8.28 18.14
C HIS A 119 5.84 -6.95 18.10
N GLU A 120 5.51 -6.50 16.89
CA GLU A 120 4.80 -5.24 16.70
C GLU A 120 3.42 -5.23 17.35
N ILE A 121 2.70 -6.33 17.24
CA ILE A 121 1.39 -6.45 17.84
C ILE A 121 1.52 -6.37 19.37
N GLY A 122 2.58 -6.95 19.89
CA GLY A 122 3.08 -6.59 21.21
C GLY A 122 2.97 -5.11 21.56
N HIS A 123 3.52 -4.26 20.71
CA HIS A 123 3.46 -2.82 20.95
C HIS A 123 2.01 -2.36 20.90
N SER A 124 1.27 -2.82 19.90
CA SER A 124 -0.14 -2.46 19.76
C SER A 124 -0.99 -2.86 20.98
N LEU A 125 -0.53 -3.84 21.74
CA LEU A 125 -1.26 -4.33 22.91
C LEU A 125 -0.83 -3.70 24.23
N GLY A 126 0.29 -2.99 24.24
CA GLY A 126 0.75 -2.33 25.43
C GLY A 126 2.15 -2.70 25.88
N LEU A 127 2.79 -3.63 25.20
CA LEU A 127 4.13 -4.04 25.57
C LEU A 127 5.27 -3.23 24.96
N PHE A 128 6.23 -2.87 25.79
CA PHE A 128 7.40 -2.12 25.38
C PHE A 128 8.54 -3.17 25.32
N HIS A 129 9.78 -2.73 25.11
CA HIS A 129 10.88 -3.69 25.03
C HIS A 129 11.33 -4.35 26.33
N SER A 130 11.67 -5.63 26.22
CA SER A 130 12.15 -6.40 27.35
C SER A 130 13.67 -6.49 27.36
N ALA A 131 14.24 -6.54 28.55
CA ALA A 131 15.69 -6.64 28.71
C ALA A 131 16.16 -8.08 28.58
N ASN A 132 15.21 -9.01 28.64
CA ASN A 132 15.52 -10.43 28.54
C ASN A 132 15.87 -10.78 27.10
N THR A 133 17.05 -11.32 26.87
CA THR A 133 17.43 -11.67 25.50
C THR A 133 16.57 -12.70 24.78
N GLU A 134 15.94 -13.61 25.54
CA GLU A 134 15.11 -14.66 24.96
C GLU A 134 13.66 -14.25 24.71
N ALA A 135 13.26 -13.05 25.13
CA ALA A 135 11.89 -12.59 24.93
C ALA A 135 11.57 -12.08 23.52
N LEU A 136 10.34 -12.31 23.06
CA LEU A 136 9.92 -11.84 21.75
C LEU A 136 10.04 -10.31 21.72
N MET A 137 9.68 -9.65 22.82
CA MET A 137 9.76 -8.20 22.90
C MET A 137 11.17 -7.63 22.98
N TYR A 138 12.18 -8.49 22.96
CA TYR A 138 13.55 -8.00 22.97
C TYR A 138 13.67 -7.48 21.52
N PRO A 139 14.19 -6.25 21.32
CA PRO A 139 14.31 -5.73 19.96
C PRO A 139 15.30 -6.44 19.06
N LEU A 140 15.06 -7.72 18.82
CA LEU A 140 15.89 -8.53 17.92
C LEU A 140 14.91 -9.20 16.95
N TYR A 141 13.66 -9.31 17.43
CA TYR A 141 12.52 -9.91 16.74
C TYR A 141 12.77 -11.01 15.69
N HIS A 142 13.11 -10.67 14.44
CA HIS A 142 13.32 -11.73 13.43
C HIS A 142 14.55 -12.60 13.70
N SER A 143 15.38 -12.21 14.67
CA SER A 143 16.57 -12.97 15.00
C SER A 143 16.22 -14.06 16.02
N LEU A 144 15.42 -15.03 15.60
CA LEU A 144 14.99 -16.11 16.48
C LEU A 144 14.92 -17.45 15.75
N THR A 145 14.72 -18.51 16.52
CA THR A 145 14.65 -19.90 16.03
C THR A 145 13.51 -20.21 15.05
N ASP A 146 12.61 -19.24 14.89
CA ASP A 146 11.43 -19.36 14.04
C ASP A 146 10.48 -20.44 14.56
N LEU A 147 9.25 -20.49 14.04
CA LEU A 147 8.30 -21.48 14.54
C LEU A 147 8.47 -22.95 14.21
N THR A 148 9.63 -23.46 14.58
CA THR A 148 9.99 -24.87 14.48
C THR A 148 10.24 -25.10 15.96
N ARG A 149 10.93 -24.14 16.58
CA ARG A 149 11.18 -24.17 18.02
C ARG A 149 10.82 -22.84 18.70
N PHE A 150 10.16 -21.94 17.99
CA PHE A 150 9.75 -20.66 18.59
C PHE A 150 8.68 -20.93 19.62
N ARG A 151 8.66 -20.14 20.69
CA ARG A 151 7.67 -20.30 21.75
C ARG A 151 7.72 -18.99 22.52
N LEU A 152 6.59 -18.38 22.86
CA LEU A 152 6.65 -17.11 23.63
C LEU A 152 7.40 -17.39 24.92
N SER A 153 8.25 -16.47 25.35
CA SER A 153 8.97 -16.72 26.58
C SER A 153 8.03 -16.43 27.75
N GLN A 154 8.31 -16.97 28.92
CA GLN A 154 7.44 -16.71 30.06
C GLN A 154 7.50 -15.25 30.46
N ASP A 155 8.50 -14.55 29.95
CA ASP A 155 8.67 -13.12 30.19
C ASP A 155 7.57 -12.38 29.40
N ASP A 156 7.38 -12.78 28.14
CA ASP A 156 6.36 -12.19 27.27
C ASP A 156 4.99 -12.48 27.86
N ILE A 157 4.81 -13.72 28.28
CA ILE A 157 3.54 -14.16 28.87
C ILE A 157 3.25 -13.36 30.13
N ASN A 158 4.25 -13.22 31.00
CA ASN A 158 4.09 -12.43 32.25
C ASN A 158 3.74 -10.98 31.90
N GLY A 159 4.42 -10.43 30.90
CA GLY A 159 4.19 -9.05 30.52
C GLY A 159 2.80 -8.76 29.97
N ILE A 160 2.28 -9.65 29.13
CA ILE A 160 0.97 -9.43 28.57
C ILE A 160 -0.10 -9.79 29.60
N GLN A 161 0.22 -10.72 30.50
CA GLN A 161 -0.76 -11.09 31.50
C GLN A 161 -0.87 -10.06 32.63
N SER A 162 0.16 -9.23 32.79
CA SER A 162 0.12 -8.15 33.78
C SER A 162 -0.90 -7.13 33.31
N LEU A 163 -1.21 -7.14 32.02
CA LEU A 163 -2.14 -6.18 31.47
C LEU A 163 -3.57 -6.70 31.33
N TYR A 164 -3.68 -7.89 30.77
CA TYR A 164 -4.99 -8.48 30.50
C TYR A 164 -5.35 -9.76 31.21
N GLY A 165 -4.43 -10.32 32.00
CA GLY A 165 -4.72 -11.57 32.67
C GLY A 165 -4.60 -12.81 31.80
N PRO A 166 -4.69 -14.00 32.41
CA PRO A 166 -4.59 -15.30 31.77
C PRO A 166 -5.94 -15.64 31.15
N PRO A 167 -5.99 -16.69 30.33
CA PRO A 167 -7.24 -17.11 29.70
C PRO A 167 -8.17 -17.73 30.74
N PRO A 168 -9.39 -17.20 30.90
CA PRO A 168 -10.38 -17.70 31.86
C PRO A 168 -10.94 -19.02 31.34
N ASP A 169 -11.42 -18.96 30.10
CA ASP A 169 -11.97 -20.12 29.40
C ASP A 169 -10.91 -20.55 28.39
N PHE B 1 -8.38 18.65 -24.87
CA PHE B 1 -6.91 18.86 -24.91
C PHE B 1 -6.52 20.01 -23.99
N ARG B 2 -5.78 19.68 -22.94
CA ARG B 2 -5.29 20.67 -22.00
C ARG B 2 -4.03 20.11 -21.35
N THR B 3 -3.03 20.95 -21.14
CA THR B 3 -1.77 20.48 -20.57
C THR B 3 -1.43 21.15 -19.23
N PHE B 4 -0.33 20.75 -18.58
CA PHE B 4 0.03 21.32 -17.27
C PHE B 4 0.70 22.71 -17.32
N PRO B 5 0.50 23.53 -16.26
CA PRO B 5 1.06 24.88 -16.12
C PRO B 5 2.59 24.95 -16.11
N GLY B 6 3.20 25.28 -17.24
CA GLY B 6 4.63 25.07 -17.38
C GLY B 6 4.96 24.11 -18.50
N ILE B 7 4.01 23.21 -18.77
CA ILE B 7 4.12 22.19 -19.83
C ILE B 7 5.31 21.24 -19.72
N PRO B 8 5.41 20.51 -18.60
CA PRO B 8 6.52 19.56 -18.45
C PRO B 8 6.36 18.32 -19.34
N LYS B 9 7.49 17.75 -19.73
CA LYS B 9 7.52 16.56 -20.57
C LYS B 9 8.69 15.72 -20.10
N TRP B 10 8.79 14.49 -20.59
CA TRP B 10 9.91 13.63 -20.24
C TRP B 10 10.88 13.73 -21.41
N ARG B 11 12.17 13.88 -21.14
CA ARG B 11 13.18 13.97 -22.20
C ARG B 11 13.50 12.57 -22.69
N LYS B 12 13.39 11.61 -21.79
CA LYS B 12 13.64 10.24 -22.14
C LYS B 12 12.40 9.74 -22.87
N THR B 13 12.59 8.84 -23.82
CA THR B 13 11.49 8.30 -24.61
C THR B 13 10.94 7.01 -23.97
N HIS B 14 11.79 6.33 -23.21
CA HIS B 14 11.43 5.11 -22.52
C HIS B 14 11.28 5.43 -21.02
N LEU B 15 10.18 5.01 -20.41
CA LEU B 15 9.96 5.27 -18.99
C LEU B 15 9.84 3.97 -18.23
N THR B 16 10.22 4.00 -16.96
CA THR B 16 10.13 2.82 -16.10
C THR B 16 8.96 2.98 -15.11
N TYR B 17 8.39 1.86 -14.69
CA TYR B 17 7.27 1.90 -13.75
C TYR B 17 7.39 0.81 -12.71
N ARG B 18 6.83 1.04 -11.52
CA ARG B 18 6.91 0.02 -10.49
C ARG B 18 5.67 -0.07 -9.61
N ILE B 19 5.14 -1.26 -9.41
CA ILE B 19 3.99 -1.40 -8.55
C ILE B 19 4.53 -1.56 -7.11
N VAL B 20 4.46 -0.49 -6.34
CA VAL B 20 4.97 -0.46 -4.98
C VAL B 20 4.24 -1.36 -3.99
N ASN B 21 2.92 -1.41 -4.06
CA ASN B 21 2.14 -2.24 -3.17
C ASN B 21 0.86 -2.70 -3.88
N TYR B 22 0.08 -3.54 -3.22
CA TYR B 22 -1.14 -4.07 -3.82
C TYR B 22 -2.40 -3.86 -3.02
N THR B 23 -3.52 -3.83 -3.73
CA THR B 23 -4.84 -3.63 -3.15
C THR B 23 -5.46 -4.94 -2.66
N PRO B 24 -6.17 -4.92 -1.54
CA PRO B 24 -6.76 -6.18 -1.11
C PRO B 24 -7.98 -6.52 -1.96
N ASP B 25 -8.41 -5.56 -2.78
CA ASP B 25 -9.60 -5.69 -3.65
C ASP B 25 -9.48 -6.72 -4.77
N LEU B 26 -8.28 -6.84 -5.34
CA LEU B 26 -8.06 -7.75 -6.45
C LEU B 26 -6.80 -8.59 -6.31
N PRO B 27 -6.76 -9.75 -6.99
CA PRO B 27 -5.58 -10.61 -6.92
C PRO B 27 -4.43 -9.84 -7.56
N LYS B 28 -3.21 -10.24 -7.27
CA LYS B 28 -2.04 -9.54 -7.77
C LYS B 28 -1.88 -9.36 -9.27
N ASP B 29 -1.86 -10.45 -10.04
CA ASP B 29 -1.68 -10.27 -11.47
C ASP B 29 -2.83 -9.53 -12.16
N ALA B 30 -3.95 -9.35 -11.46
CA ALA B 30 -5.06 -8.58 -12.03
C ALA B 30 -4.65 -7.11 -12.00
N VAL B 31 -4.12 -6.66 -10.87
CA VAL B 31 -3.66 -5.26 -10.76
C VAL B 31 -2.59 -5.02 -11.84
N ASP B 32 -1.59 -5.91 -11.88
CA ASP B 32 -0.51 -5.81 -12.86
C ASP B 32 -1.06 -5.65 -14.27
N SER B 33 -2.02 -6.50 -14.63
CA SER B 33 -2.61 -6.48 -15.96
C SER B 33 -3.39 -5.23 -16.31
N ALA B 34 -4.02 -4.64 -15.31
CA ALA B 34 -4.77 -3.39 -15.53
C ALA B 34 -3.78 -2.26 -15.78
N VAL B 35 -2.60 -2.37 -15.17
CA VAL B 35 -1.54 -1.38 -15.33
C VAL B 35 -0.83 -1.47 -16.68
N GLU B 36 -0.55 -2.71 -17.13
CA GLU B 36 0.09 -2.91 -18.44
C GLU B 36 -0.82 -2.36 -19.52
N LYS B 37 -2.10 -2.70 -19.42
CA LYS B 37 -3.05 -2.24 -20.41
C LYS B 37 -3.26 -0.73 -20.37
N ALA B 38 -3.10 -0.12 -19.20
CA ALA B 38 -3.23 1.34 -19.08
C ALA B 38 -2.02 2.03 -19.75
N LEU B 39 -0.87 1.36 -19.75
CA LEU B 39 0.35 1.87 -20.38
C LEU B 39 0.28 1.67 -21.90
N LYS B 40 -0.25 0.51 -22.31
CA LYS B 40 -0.40 0.17 -23.73
C LYS B 40 -1.21 1.25 -24.43
N VAL B 41 -2.26 1.73 -23.77
CA VAL B 41 -3.13 2.78 -24.31
C VAL B 41 -2.33 3.98 -24.84
N TRP B 42 -1.37 4.45 -24.05
CA TRP B 42 -0.58 5.59 -24.47
C TRP B 42 0.56 5.24 -25.42
N GLU B 43 1.08 4.02 -25.32
CA GLU B 43 2.15 3.59 -26.20
C GLU B 43 1.66 3.55 -27.64
N GLU B 44 0.47 2.98 -27.86
CA GLU B 44 -0.09 2.86 -29.21
C GLU B 44 -0.15 4.18 -30.00
N VAL B 45 -0.20 5.30 -29.30
CA VAL B 45 -0.30 6.60 -29.97
C VAL B 45 0.89 7.57 -29.84
N THR B 46 2.02 7.06 -29.35
CA THR B 46 3.22 7.88 -29.22
C THR B 46 4.44 6.98 -29.31
N PRO B 47 5.64 7.56 -29.38
CA PRO B 47 6.84 6.73 -29.46
C PRO B 47 7.35 6.30 -28.06
N LEU B 48 6.49 6.49 -27.06
CA LEU B 48 6.79 6.16 -25.66
C LEU B 48 6.71 4.66 -25.36
N THR B 49 7.74 4.14 -24.71
CA THR B 49 7.78 2.74 -24.33
C THR B 49 7.96 2.66 -22.82
N PHE B 50 7.58 1.55 -22.22
CA PHE B 50 7.68 1.40 -20.77
C PHE B 50 8.29 0.06 -20.32
N SER B 51 8.94 0.08 -19.16
CA SER B 51 9.54 -1.13 -18.57
C SER B 51 9.28 -1.21 -17.07
N ARG B 52 9.11 -2.42 -16.56
CA ARG B 52 8.85 -2.62 -15.13
C ARG B 52 10.03 -2.98 -14.25
N LEU B 53 10.22 -2.17 -13.21
CA LEU B 53 11.29 -2.36 -12.24
C LEU B 53 10.67 -3.05 -11.03
N TYR B 54 11.42 -3.91 -10.37
CA TYR B 54 10.91 -4.60 -9.18
C TYR B 54 11.58 -4.11 -7.91
N GLU B 55 12.44 -3.12 -8.07
CA GLU B 55 13.16 -2.52 -6.96
C GLU B 55 13.76 -1.22 -7.45
N GLY B 56 14.15 -0.36 -6.53
CA GLY B 56 14.71 0.92 -6.90
C GLY B 56 13.67 1.94 -7.33
N GLU B 57 14.13 3.11 -7.76
CA GLU B 57 13.25 4.18 -8.17
C GLU B 57 12.92 4.19 -9.67
N ALA B 58 11.67 3.93 -9.99
CA ALA B 58 11.22 3.95 -11.36
C ALA B 58 10.56 5.32 -11.54
N ASP B 59 10.50 5.81 -12.77
CA ASP B 59 9.92 7.12 -13.05
C ASP B 59 8.50 7.24 -12.46
N ILE B 60 7.68 6.25 -12.77
CA ILE B 60 6.29 6.20 -12.33
C ILE B 60 6.14 5.14 -11.24
N MET B 61 6.07 5.59 -9.99
CA MET B 61 5.89 4.71 -8.86
C MET B 61 4.39 4.67 -8.63
N ILE B 62 3.83 3.47 -8.69
CA ILE B 62 2.39 3.26 -8.52
C ILE B 62 2.07 2.61 -7.20
N SER B 63 1.14 3.20 -6.46
CA SER B 63 0.77 2.66 -5.15
C SER B 63 -0.68 2.90 -4.78
N PHE B 64 -1.17 2.09 -3.85
CA PHE B 64 -2.55 2.22 -3.34
C PHE B 64 -2.47 2.87 -1.96
N ALA B 65 -3.32 3.87 -1.70
CA ALA B 65 -3.26 4.54 -0.42
C ALA B 65 -4.60 4.79 0.28
N VAL B 66 -4.52 5.33 1.51
CA VAL B 66 -5.68 5.66 2.33
C VAL B 66 -5.38 6.92 3.14
N ARG B 67 -6.32 7.88 3.15
CA ARG B 67 -6.17 9.13 3.92
C ARG B 67 -4.75 9.76 3.88
N GLU B 68 -4.11 9.96 5.03
CA GLU B 68 -2.76 10.53 5.03
C GLU B 68 -1.76 9.42 4.70
N HIS B 69 -1.06 9.60 3.59
CA HIS B 69 -0.12 8.59 3.10
C HIS B 69 1.23 9.12 2.65
N GLY B 70 1.59 10.33 3.06
CA GLY B 70 2.97 10.77 2.92
C GLY B 70 3.24 11.87 1.90
N ASP B 71 2.18 12.44 1.32
CA ASP B 71 2.35 13.51 0.33
C ASP B 71 1.49 14.75 0.64
N PHE B 72 1.46 15.72 -0.28
CA PHE B 72 0.69 16.95 -0.05
C PHE B 72 -0.82 16.81 -0.03
N TYR B 73 -1.36 15.76 -0.63
CA TYR B 73 -2.82 15.65 -0.69
C TYR B 73 -3.44 14.36 -0.19
N PRO B 74 -3.98 14.38 1.04
CA PRO B 74 -4.62 13.22 1.66
C PRO B 74 -5.88 12.76 0.92
N PHE B 75 -6.14 11.47 0.89
CA PHE B 75 -7.33 10.97 0.21
C PHE B 75 -8.51 11.11 1.17
N ASP B 76 -9.67 11.52 0.63
CA ASP B 76 -10.88 11.71 1.43
C ASP B 76 -11.53 10.47 2.05
N GLY B 77 -11.58 9.38 1.30
CA GLY B 77 -12.27 8.21 1.81
C GLY B 77 -13.06 7.49 0.72
N PRO B 78 -14.11 6.76 1.08
CA PRO B 78 -14.98 6.00 0.15
C PRO B 78 -15.81 6.83 -0.84
N GLY B 79 -15.16 7.58 -1.72
CA GLY B 79 -15.90 8.43 -2.63
C GLY B 79 -15.14 9.67 -3.08
N ASN B 80 -15.76 10.43 -3.98
CA ASN B 80 -15.15 11.64 -4.49
C ASN B 80 -13.81 11.34 -5.16
N VAL B 81 -12.72 11.89 -4.63
CA VAL B 81 -11.39 11.64 -5.24
C VAL B 81 -11.06 10.15 -5.22
N LEU B 82 -10.94 9.57 -6.41
CA LEU B 82 -10.61 8.15 -6.58
C LEU B 82 -9.10 7.92 -6.70
N ALA B 83 -8.39 8.85 -7.33
CA ALA B 83 -6.94 8.72 -7.51
C ALA B 83 -6.31 10.02 -7.96
N HIS B 84 -4.99 10.13 -7.79
CA HIS B 84 -4.28 11.33 -8.25
C HIS B 84 -2.82 11.04 -8.65
N ALA B 85 -2.40 11.69 -9.73
CA ALA B 85 -1.07 11.51 -10.26
C ALA B 85 -0.35 12.86 -10.40
N TYR B 86 0.98 12.82 -10.49
CA TYR B 86 1.81 14.03 -10.60
C TYR B 86 2.40 14.25 -11.99
N ALA B 87 2.55 15.51 -12.37
CA ALA B 87 3.11 15.82 -13.69
C ALA B 87 4.54 15.29 -13.81
N PRO B 88 5.04 15.17 -15.04
CA PRO B 88 6.39 14.66 -15.31
C PRO B 88 7.52 15.38 -14.57
N GLY B 89 8.50 14.62 -14.11
CA GLY B 89 9.64 15.21 -13.42
C GLY B 89 10.29 14.22 -12.48
N PRO B 90 11.18 14.69 -11.59
CA PRO B 90 11.86 13.81 -10.63
C PRO B 90 11.04 13.57 -9.36
N GLY B 91 11.45 12.58 -8.57
CA GLY B 91 10.86 12.42 -7.27
C GLY B 91 9.42 11.96 -7.38
N ILE B 92 8.56 12.55 -6.57
CA ILE B 92 7.15 12.18 -6.55
C ILE B 92 6.46 12.59 -7.85
N ASN B 93 7.16 13.32 -8.70
CA ASN B 93 6.60 13.70 -9.98
C ASN B 93 6.52 12.45 -10.84
N GLY B 94 5.45 12.36 -11.63
CA GLY B 94 5.17 11.20 -12.45
C GLY B 94 4.62 9.98 -11.74
N ASP B 95 4.32 10.09 -10.45
CA ASP B 95 3.80 8.92 -9.73
C ASP B 95 2.27 8.88 -9.70
N ALA B 96 1.70 7.70 -9.50
CA ALA B 96 0.25 7.56 -9.46
C ALA B 96 -0.23 6.92 -8.17
N HIS B 97 -1.19 7.55 -7.51
CA HIS B 97 -1.73 7.02 -6.25
C HIS B 97 -3.20 6.69 -6.39
N PHE B 98 -3.61 5.53 -5.90
CA PHE B 98 -5.00 5.10 -6.00
C PHE B 98 -5.63 4.92 -4.62
N ASP B 99 -6.72 5.65 -4.38
CA ASP B 99 -7.44 5.61 -3.11
C ASP B 99 -8.01 4.22 -2.85
N ASP B 100 -7.37 3.48 -1.95
CA ASP B 100 -7.83 2.13 -1.66
C ASP B 100 -9.17 2.03 -0.91
N ASP B 101 -9.68 3.16 -0.45
CA ASP B 101 -10.97 3.18 0.24
C ASP B 101 -12.07 2.88 -0.79
N GLU B 102 -11.68 2.79 -2.06
CA GLU B 102 -12.59 2.50 -3.16
C GLU B 102 -12.50 0.99 -3.45
N GLN B 103 -13.52 0.42 -4.08
CA GLN B 103 -13.49 -0.99 -4.44
C GLN B 103 -13.01 -1.14 -5.88
N TRP B 104 -11.71 -1.29 -6.05
CA TRP B 104 -11.14 -1.43 -7.39
C TRP B 104 -11.62 -2.70 -8.03
N THR B 105 -11.98 -2.63 -9.30
CA THR B 105 -12.49 -3.80 -9.97
C THR B 105 -11.99 -4.01 -11.40
N LYS B 106 -12.13 -5.25 -11.85
CA LYS B 106 -11.73 -5.63 -13.19
C LYS B 106 -12.87 -5.30 -14.17
N ASP B 107 -14.07 -5.07 -13.64
CA ASP B 107 -15.23 -4.72 -14.46
C ASP B 107 -15.89 -3.39 -14.02
N THR B 108 -17.18 -3.23 -14.30
CA THR B 108 -17.87 -1.98 -13.93
C THR B 108 -18.66 -2.02 -12.62
N THR B 109 -18.39 -2.97 -11.75
CA THR B 109 -19.15 -3.05 -10.49
C THR B 109 -18.68 -2.10 -9.39
N GLY B 110 -17.41 -1.72 -9.44
CA GLY B 110 -16.96 -0.68 -8.53
C GLY B 110 -16.25 0.41 -9.29
N THR B 111 -14.97 0.58 -8.98
CA THR B 111 -14.20 1.59 -9.68
C THR B 111 -13.20 0.80 -10.54
N ASN B 112 -13.39 0.85 -11.85
CA ASN B 112 -12.50 0.14 -12.75
C ASN B 112 -11.08 0.66 -12.70
N LEU B 113 -10.17 -0.18 -12.24
CA LEU B 113 -8.76 0.18 -12.11
C LEU B 113 -8.12 0.60 -13.46
N PHE B 114 -8.43 -0.11 -14.53
CA PHE B 114 -7.88 0.22 -15.84
C PHE B 114 -8.28 1.62 -16.31
N LEU B 115 -9.55 1.92 -16.22
CA LEU B 115 -10.07 3.20 -16.66
C LEU B 115 -9.42 4.39 -15.96
N VAL B 116 -9.33 4.31 -14.64
CA VAL B 116 -8.74 5.39 -13.86
C VAL B 116 -7.22 5.48 -14.05
N ALA B 117 -6.58 4.31 -14.15
CA ALA B 117 -5.14 4.26 -14.34
C ALA B 117 -4.73 4.92 -15.68
N ALA B 118 -5.54 4.72 -16.72
CA ALA B 118 -5.25 5.33 -18.03
C ALA B 118 -5.34 6.86 -17.92
N HIS B 119 -6.28 7.33 -17.11
CA HIS B 119 -6.47 8.74 -16.87
C HIS B 119 -5.28 9.29 -16.06
N GLU B 120 -4.84 8.53 -15.05
CA GLU B 120 -3.71 8.96 -14.21
C GLU B 120 -2.38 8.98 -14.95
N ILE B 121 -2.10 7.94 -15.72
CA ILE B 121 -0.85 7.91 -16.46
C ILE B 121 -0.84 8.93 -17.61
N GLY B 122 -2.02 9.40 -18.02
CA GLY B 122 -2.13 10.66 -18.75
C GLY B 122 -1.50 11.82 -18.00
N HIS B 123 -1.82 11.93 -16.72
CA HIS B 123 -1.25 12.98 -15.88
C HIS B 123 0.25 12.78 -15.76
N SER B 124 0.67 11.54 -15.52
CA SER B 124 2.08 11.19 -15.37
C SER B 124 2.91 11.45 -16.64
N LEU B 125 2.23 11.64 -17.77
CA LEU B 125 2.91 11.93 -19.03
C LEU B 125 2.72 13.36 -19.53
N GLY B 126 1.84 14.12 -18.87
CA GLY B 126 1.82 15.55 -19.02
C GLY B 126 0.47 16.15 -19.39
N LEU B 127 -0.58 15.35 -19.34
CA LEU B 127 -1.90 15.87 -19.69
C LEU B 127 -2.68 16.28 -18.46
N PHE B 128 -3.40 17.39 -18.61
CA PHE B 128 -4.22 17.93 -17.54
C PHE B 128 -5.67 17.61 -17.92
N HIS B 129 -6.62 18.11 -17.15
CA HIS B 129 -8.02 17.86 -17.46
C HIS B 129 -8.49 18.57 -18.74
N SER B 130 -9.20 17.81 -19.56
CA SER B 130 -9.72 18.27 -20.83
C SER B 130 -11.14 18.86 -20.69
N ALA B 131 -11.58 19.59 -21.72
CA ALA B 131 -12.90 20.19 -21.74
C ALA B 131 -13.85 19.27 -22.49
N ASN B 132 -13.31 18.55 -23.45
CA ASN B 132 -14.11 17.61 -24.24
C ASN B 132 -14.70 16.54 -23.33
N THR B 133 -16.00 16.36 -23.44
CA THR B 133 -16.74 15.38 -22.64
C THR B 133 -16.51 13.92 -22.98
N GLU B 134 -16.03 13.63 -24.20
CA GLU B 134 -15.81 12.26 -24.64
C GLU B 134 -14.35 11.81 -24.47
N ALA B 135 -13.52 12.70 -23.93
CA ALA B 135 -12.10 12.43 -23.73
C ALA B 135 -11.78 11.82 -22.38
N LEU B 136 -10.86 10.85 -22.39
CA LEU B 136 -10.43 10.16 -21.17
C LEU B 136 -9.96 11.15 -20.12
N MET B 137 -9.31 12.23 -20.56
CA MET B 137 -8.81 13.24 -19.64
C MET B 137 -9.83 14.22 -19.08
N TYR B 138 -11.11 13.96 -19.31
CA TYR B 138 -12.17 14.79 -18.77
C TYR B 138 -12.36 14.19 -17.36
N PRO B 139 -12.37 15.02 -16.29
CA PRO B 139 -12.51 14.50 -14.93
C PRO B 139 -13.85 13.92 -14.49
N LEU B 140 -14.46 13.08 -15.30
CA LEU B 140 -15.73 12.50 -14.92
C LEU B 140 -15.69 10.99 -15.00
N TYR B 141 -15.82 10.29 -13.88
CA TYR B 141 -15.81 8.83 -13.97
C TYR B 141 -17.20 8.43 -14.47
N HIS B 142 -17.26 7.95 -15.70
CA HIS B 142 -18.55 7.61 -16.30
C HIS B 142 -19.34 6.39 -15.83
N SER B 143 -20.64 6.61 -15.78
CA SER B 143 -21.62 5.59 -15.39
C SER B 143 -22.08 4.83 -16.65
N LEU B 144 -21.14 4.59 -17.54
CA LEU B 144 -21.45 3.86 -18.77
C LEU B 144 -21.50 2.40 -18.38
N THR B 145 -22.53 1.70 -18.82
CA THR B 145 -22.63 0.28 -18.54
C THR B 145 -22.22 -0.40 -19.85
N ASP B 146 -21.06 0.04 -20.32
CA ASP B 146 -20.42 -0.40 -21.55
C ASP B 146 -18.97 0.08 -21.38
N LEU B 147 -18.03 -0.81 -21.64
CA LEU B 147 -16.60 -0.51 -21.47
C LEU B 147 -15.77 -1.51 -22.26
N THR B 148 -16.45 -2.55 -22.73
CA THR B 148 -15.84 -3.62 -23.51
C THR B 148 -15.05 -3.08 -24.71
N ARG B 149 -15.57 -2.04 -25.35
CA ARG B 149 -14.89 -1.44 -26.49
C ARG B 149 -14.34 -0.06 -26.13
N PHE B 150 -13.07 -0.03 -25.73
CA PHE B 150 -12.41 1.21 -25.33
C PHE B 150 -11.53 1.82 -26.42
N ARG B 151 -11.55 3.15 -26.51
CA ARG B 151 -10.72 3.85 -27.47
C ARG B 151 -10.29 5.20 -26.89
N LEU B 152 -9.08 5.65 -27.20
CA LEU B 152 -8.65 6.97 -26.75
C LEU B 152 -9.37 7.92 -27.68
N SER B 153 -9.88 9.04 -27.17
CA SER B 153 -10.58 9.96 -28.05
C SER B 153 -9.59 10.72 -28.91
N GLN B 154 -10.07 11.41 -29.93
CA GLN B 154 -9.15 12.15 -30.79
C GLN B 154 -8.45 13.29 -30.06
N ASP B 155 -9.12 13.95 -29.12
CA ASP B 155 -8.45 15.02 -28.41
C ASP B 155 -7.47 14.55 -27.32
N ASP B 156 -7.54 13.28 -26.92
CA ASP B 156 -6.59 12.72 -25.96
C ASP B 156 -5.29 12.56 -26.77
N ILE B 157 -5.46 11.91 -27.92
CA ILE B 157 -4.39 11.65 -28.87
C ILE B 157 -3.75 12.96 -29.34
N ASN B 158 -4.59 13.99 -29.54
CA ASN B 158 -4.10 15.32 -29.96
C ASN B 158 -3.31 15.95 -28.83
N GLY B 159 -3.67 15.58 -27.61
CA GLY B 159 -2.98 16.14 -26.46
C GLY B 159 -1.64 15.48 -26.19
N ILE B 160 -1.62 14.16 -26.20
CA ILE B 160 -0.39 13.43 -25.92
C ILE B 160 0.64 13.51 -27.06
N GLN B 161 0.18 13.68 -28.30
CA GLN B 161 1.08 13.79 -29.45
C GLN B 161 1.75 15.16 -29.55
N SER B 162 1.15 16.20 -28.98
CA SER B 162 1.75 17.53 -29.01
C SER B 162 2.91 17.62 -28.03
N LEU B 163 3.04 16.60 -27.19
CA LEU B 163 4.10 16.51 -26.20
C LEU B 163 5.18 15.52 -26.65
N TYR B 164 4.75 14.43 -27.30
CA TYR B 164 5.68 13.40 -27.74
C TYR B 164 5.62 13.08 -29.24
N GLY B 165 4.51 13.40 -29.89
CA GLY B 165 4.36 13.01 -31.28
C GLY B 165 3.91 11.58 -31.56
N PRO B 166 3.55 11.30 -32.82
CA PRO B 166 3.08 10.00 -33.32
C PRO B 166 4.17 8.92 -33.32
N PRO B 167 3.77 7.65 -33.37
CA PRO B 167 4.69 6.51 -33.40
C PRO B 167 5.45 6.50 -34.75
N PRO B 168 6.73 6.12 -34.74
CA PRO B 168 7.58 6.08 -35.94
C PRO B 168 7.17 5.06 -37.01
N ASP B 169 6.50 4.01 -36.58
CA ASP B 169 6.07 2.95 -37.49
C ASP B 169 4.62 3.06 -37.97
N SER B 170 3.92 4.11 -37.53
CA SER B 170 2.52 4.31 -37.91
C SER B 170 2.31 5.25 -39.09
N PRO B 171 1.49 4.84 -40.06
CA PRO B 171 1.18 5.64 -41.25
C PRO B 171 0.10 6.66 -40.82
N GLU B 172 0.13 7.85 -41.39
CA GLU B 172 -0.81 8.90 -40.98
C GLU B 172 -1.92 9.17 -41.98
N THR B 173 -3.15 9.24 -41.48
CA THR B 173 -4.32 9.49 -42.33
C THR B 173 -4.26 10.89 -42.97
ZN ZN C . 9.96 -3.10 19.02
ZN ZN D . 4.65 4.65 10.50
CA CA E . 14.21 -0.11 7.17
CA CA F . 9.87 -5.45 0.13
CA CA G . -5.87 2.39 15.50
ZN ZN H . -7.44 13.61 -13.19
ZN ZN I . -0.94 10.80 -3.06
CA CA J . -12.04 8.77 -2.10
CA CA K . -10.22 -1.20 -1.49
CA CA L . 8.54 9.68 -9.96
C1 N25 M . -11.14 10.92 -11.35
C2 N25 M . -12.01 11.30 -12.46
C3 N25 M . -11.86 10.59 -13.73
C4 N25 M . -10.84 9.55 -13.83
C5 N25 M . -9.94 9.21 -12.73
C6 N25 M . -10.10 9.91 -11.46
O7 N25 M . -10.66 8.76 -14.89
C8 N25 M . -11.58 8.79 -15.86
N9 N25 M . -11.04 13.16 -9.58
S10 N25 M . -11.41 11.49 -9.64
O11 N25 M . -12.77 11.32 -9.21
O12 N25 M . -10.56 10.90 -8.65
C13 N25 M . -9.72 13.77 -9.63
N14 N25 M . -9.53 14.81 -8.62
C15 N25 M . -10.39 15.94 -9.04
C16 N25 M . -11.82 15.51 -9.35
C17 N25 M . -11.94 14.21 -10.12
C18 N25 M . -12.33 16.64 -10.22
C19 N25 M . -12.61 15.29 -8.07
S20 N25 M . -7.98 15.16 -8.04
O21 N25 M . -7.37 13.99 -7.44
O22 N25 M . -8.15 16.28 -7.17
C23 N25 M . -8.73 13.51 -10.78
N25 N25 M . -7.88 12.48 -10.68
C27 N25 M . -6.85 15.75 -9.32
C28 N25 M . -5.82 14.77 -9.65
C29 N25 M . -4.76 15.20 -10.54
C30 N25 M . -4.82 16.57 -11.03
C31 N25 M . -5.86 17.53 -10.73
C32 N25 M . -6.93 17.12 -9.84
O33 N25 M . -3.76 16.99 -11.73
C34 N25 M . -2.80 17.34 -10.86
O24 N25 M . -8.68 14.22 -11.78
O26 N25 M . -6.91 12.62 -11.69
#